data_3EVP
#
_entry.id   3EVP
#
_cell.length_a   51.060
_cell.length_b   62.220
_cell.length_c   69.450
_cell.angle_alpha   90.00
_cell.angle_beta   90.00
_cell.angle_gamma   90.00
#
_symmetry.space_group_name_H-M   'P 21 21 21'
#
loop_
_entity.id
_entity.type
_entity.pdbx_description
1 polymer 'Green fluorescent protein,Green fluorescent protein'
2 water water
#
_entity_poly.entity_id   1
_entity_poly.type   'polypeptide(L)'
_entity_poly.pdbx_seq_one_letter_code
;SSLENVYIMADKQKNGIKANFKIRHNIEDGGVQLAYHYQQNTPIGDGPVLLPDNHYLSTQSKLSKDPNEKRDHMVLLEFV
TAAGITLGMDELYKGGTGGSMVSKGEELFTGVVPILVELDGDVNGHKFSVSGEGEGDATYGKLTLKFICTTGKLPVPWPT
LVTTL(CRO)VQCFSRYPDHMKQHDFFKSAMPEGYIQERTIFFKDDGNYKTRAEVKFEGDTLVNRIELKGIDFKEDGNIL
GHKLEYN
;
_entity_poly.pdbx_strand_id   A
#
# COMPACT_ATOMS: atom_id res chain seq x y z
N SER A 1 -4.20 -12.08 -11.29
CA SER A 1 -3.62 -10.78 -11.04
C SER A 1 -4.71 -9.71 -11.06
N SER A 2 -4.36 -8.51 -10.59
CA SER A 2 -5.28 -7.38 -10.59
C SER A 2 -4.53 -6.19 -11.12
N LEU A 3 -5.25 -5.26 -11.77
CA LEU A 3 -4.63 -4.05 -12.30
C LEU A 3 -5.51 -2.85 -12.00
N GLU A 4 -4.93 -1.89 -11.27
CA GLU A 4 -5.67 -0.71 -10.86
C GLU A 4 -4.81 0.53 -11.10
N ASN A 5 -5.45 1.67 -11.33
CA ASN A 5 -4.75 2.92 -11.56
C ASN A 5 -4.88 3.87 -10.36
N VAL A 6 -3.75 4.27 -9.80
CA VAL A 6 -3.73 5.21 -8.68
C VAL A 6 -3.56 6.63 -9.24
N TYR A 7 -4.55 7.51 -9.08
CA TYR A 7 -4.46 8.85 -9.64
CA TYR A 7 -4.49 8.87 -9.63
C TYR A 7 -3.85 9.81 -8.64
N ILE A 8 -2.74 10.44 -9.03
CA ILE A 8 -1.95 11.29 -8.15
C ILE A 8 -1.99 12.74 -8.57
N MET A 9 -2.12 13.63 -7.58
CA MET A 9 -2.06 15.06 -7.82
C MET A 9 -1.20 15.74 -6.76
N ALA A 10 -0.61 16.87 -7.11
CA ALA A 10 0.15 17.66 -6.15
C ALA A 10 -0.76 18.22 -5.06
N ASP A 11 -0.23 18.36 -3.85
CA ASP A 11 -0.92 19.04 -2.76
C ASP A 11 0.07 20.07 -2.22
N LYS A 12 0.13 21.22 -2.88
CA LYS A 12 1.19 22.18 -2.63
C LYS A 12 1.17 22.77 -1.22
N GLN A 13 -0.03 22.89 -0.65
CA GLN A 13 -0.17 23.47 0.68
CA GLN A 13 -0.19 23.47 0.68
C GLN A 13 0.48 22.62 1.77
N LYS A 14 0.63 21.32 1.50
CA LYS A 14 1.29 20.43 2.44
C LYS A 14 2.63 19.93 1.93
N ASN A 15 3.08 20.51 0.82
CA ASN A 15 4.34 20.09 0.18
C ASN A 15 4.34 18.59 -0.08
N GLY A 16 3.21 18.07 -0.54
CA GLY A 16 3.07 16.65 -0.73
C GLY A 16 2.15 16.31 -1.90
N ILE A 17 1.46 15.19 -1.80
CA ILE A 17 0.57 14.74 -2.85
C ILE A 17 -0.71 14.20 -2.22
N LYS A 18 -1.73 14.10 -3.06
CA LYS A 18 -2.95 13.39 -2.72
C LYS A 18 -3.18 12.36 -3.82
N ALA A 19 -3.99 11.35 -3.53
CA ALA A 19 -4.32 10.36 -4.53
C ALA A 19 -5.70 9.81 -4.29
N ASN A 20 -6.32 9.30 -5.32
CA ASN A 20 -7.54 8.55 -5.13
C ASN A 20 -7.65 7.47 -6.19
N PHE A 21 -8.39 6.42 -5.87
CA PHE A 21 -8.53 5.27 -6.74
C PHE A 21 -9.52 4.31 -6.14
N LYS A 22 -9.97 3.35 -6.93
CA LYS A 22 -10.92 2.34 -6.48
C LYS A 22 -10.27 0.98 -6.66
N ILE A 23 -10.39 0.12 -5.68
CA ILE A 23 -9.96 -1.28 -5.78
C ILE A 23 -11.18 -2.15 -5.93
N ARG A 24 -11.12 -3.10 -6.84
CA ARG A 24 -12.24 -4.04 -7.07
C ARG A 24 -11.89 -5.40 -6.49
N HIS A 25 -12.30 -5.66 -5.27
CA HIS A 25 -12.10 -7.00 -4.70
C HIS A 25 -13.14 -7.98 -5.25
N ASN A 26 -12.72 -9.19 -5.55
CA ASN A 26 -13.65 -10.20 -6.06
C ASN A 26 -14.37 -10.93 -4.93
N ILE A 27 -15.69 -10.99 -5.01
CA ILE A 27 -16.48 -11.71 -4.00
C ILE A 27 -16.66 -13.17 -4.43
N GLU A 28 -16.68 -14.09 -3.46
CA GLU A 28 -16.73 -15.52 -3.74
C GLU A 28 -17.94 -15.96 -4.57
N ASP A 29 -19.02 -15.18 -4.55
CA ASP A 29 -20.21 -15.48 -5.36
C ASP A 29 -20.17 -14.92 -6.79
N GLY A 30 -19.06 -14.31 -7.19
CA GLY A 30 -18.96 -13.71 -8.51
C GLY A 30 -19.06 -12.17 -8.53
N GLY A 31 -19.56 -11.58 -7.45
CA GLY A 31 -19.64 -10.12 -7.40
C GLY A 31 -18.32 -9.36 -7.21
N VAL A 32 -18.47 -8.08 -6.95
CA VAL A 32 -17.30 -7.22 -6.66
C VAL A 32 -17.60 -6.35 -5.45
N GLN A 33 -16.59 -6.26 -4.58
CA GLN A 33 -16.60 -5.39 -3.43
C GLN A 33 -15.66 -4.21 -3.71
N LEU A 34 -16.24 -3.04 -3.98
CA LEU A 34 -15.45 -1.84 -4.19
C LEU A 34 -14.85 -1.32 -2.88
N ALA A 35 -13.61 -0.83 -2.95
CA ALA A 35 -12.96 -0.15 -1.84
C ALA A 35 -12.41 1.16 -2.38
N TYR A 36 -13.06 2.25 -2.04
CA TYR A 36 -12.68 3.58 -2.52
C TYR A 36 -11.57 4.12 -1.62
N HIS A 37 -10.44 4.45 -2.24
CA HIS A 37 -9.26 4.93 -1.53
C HIS A 37 -9.09 6.44 -1.72
N TYR A 38 -8.87 7.13 -0.61
CA TYR A 38 -8.45 8.55 -0.57
C TYR A 38 -7.16 8.62 0.22
N GLN A 39 -6.16 9.28 -0.36
CA GLN A 39 -4.80 9.17 0.16
C GLN A 39 -4.17 10.55 0.24
N GLN A 40 -3.33 10.76 1.26
CA GLN A 40 -2.47 11.94 1.29
C GLN A 40 -1.08 11.57 1.80
N ASN A 41 -0.05 12.18 1.23
CA ASN A 41 1.33 11.95 1.64
C ASN A 41 1.96 13.27 1.93
N THR A 42 2.65 13.37 3.06
CA THR A 42 3.36 14.59 3.43
C THR A 42 4.80 14.21 3.81
N PRO A 43 5.79 15.02 3.39
CA PRO A 43 7.18 14.65 3.69
C PRO A 43 7.50 14.78 5.18
N ILE A 44 8.44 13.95 5.62
CA ILE A 44 8.91 14.00 6.99
C ILE A 44 9.96 15.08 7.13
N GLY A 45 10.83 15.19 6.13
CA GLY A 45 11.83 16.25 6.17
C GLY A 45 11.25 17.61 5.81
N ASP A 46 12.01 18.69 6.00
CA ASP A 46 11.53 20.03 5.69
C ASP A 46 12.11 20.59 4.40
N GLY A 47 12.77 19.72 3.63
CA GLY A 47 13.44 20.10 2.39
C GLY A 47 12.54 20.02 1.18
N PRO A 48 13.10 20.21 0.00
CA PRO A 48 12.28 20.22 -1.20
C PRO A 48 11.90 18.80 -1.64
N VAL A 49 10.74 18.69 -2.27
CA VAL A 49 10.31 17.47 -2.92
C VAL A 49 9.85 17.80 -4.31
N LEU A 50 9.63 16.74 -5.09
CA LEU A 50 9.07 16.88 -6.43
C LEU A 50 7.55 16.90 -6.34
N LEU A 51 6.95 18.01 -6.79
CA LEU A 51 5.49 18.17 -6.75
C LEU A 51 5.01 17.88 -8.17
N PRO A 52 4.27 16.78 -8.36
CA PRO A 52 4.04 16.27 -9.71
C PRO A 52 2.87 16.90 -10.42
N ASP A 53 2.94 16.86 -11.74
CA ASP A 53 1.75 17.01 -12.56
C ASP A 53 0.83 15.83 -12.29
N ASN A 54 -0.44 15.96 -12.64
CA ASN A 54 -1.35 14.83 -12.47
C ASN A 54 -0.86 13.64 -13.30
N HIS A 55 -0.93 12.45 -12.73
CA HIS A 55 -0.51 11.25 -13.44
C HIS A 55 -1.06 10.04 -12.74
N TYR A 56 -0.74 8.86 -13.22
CA TYR A 56 -1.17 7.70 -12.45
C TYR A 56 -0.10 6.65 -12.26
N LEU A 57 -0.33 5.78 -11.29
CA LEU A 57 0.50 4.58 -11.14
C LEU A 57 -0.33 3.37 -11.57
N SER A 58 0.09 2.71 -12.65
CA SER A 58 -0.53 1.48 -13.13
C SER A 58 0.00 0.33 -12.28
N THR A 59 -0.85 -0.26 -11.46
CA THR A 59 -0.44 -1.14 -10.38
C THR A 59 -1.02 -2.54 -10.53
N GLN A 60 -0.14 -3.51 -10.72
CA GLN A 60 -0.53 -4.90 -10.90
C GLN A 60 -0.08 -5.70 -9.70
N SER A 61 -0.99 -6.47 -9.11
CA SER A 61 -0.67 -7.31 -7.96
C SER A 61 -1.00 -8.77 -8.22
N LYS A 62 -0.19 -9.67 -7.67
CA LYS A 62 -0.43 -11.11 -7.73
C LYS A 62 -0.23 -11.67 -6.33
N LEU A 63 -1.21 -12.43 -5.86
CA LEU A 63 -1.21 -13.01 -4.51
CA LEU A 63 -1.20 -13.00 -4.51
C LEU A 63 -1.00 -14.50 -4.59
N SER A 64 -0.19 -15.05 -3.68
CA SER A 64 0.02 -16.50 -3.63
C SER A 64 0.25 -16.95 -2.19
N LYS A 65 0.49 -18.25 -2.01
CA LYS A 65 0.74 -18.85 -0.71
C LYS A 65 2.03 -19.61 -0.82
N ASP A 66 2.75 -19.68 0.29
CA ASP A 66 3.98 -20.44 0.43
C ASP A 66 3.52 -21.83 0.85
N PRO A 67 3.82 -22.84 0.02
CA PRO A 67 3.28 -24.18 0.30
C PRO A 67 3.84 -24.77 1.60
N ASN A 68 4.99 -24.26 2.06
CA ASN A 68 5.58 -24.75 3.30
C ASN A 68 5.32 -23.84 4.50
N GLU A 69 4.26 -23.04 4.44
CA GLU A 69 3.98 -22.09 5.51
C GLU A 69 2.61 -22.36 6.14
N LYS A 70 2.59 -22.64 7.44
CA LYS A 70 1.33 -22.91 8.12
C LYS A 70 0.78 -21.71 8.89
N ARG A 71 1.58 -20.67 9.11
CA ARG A 71 1.03 -19.45 9.71
C ARG A 71 0.14 -18.76 8.69
N ASP A 72 -0.77 -17.92 9.16
CA ASP A 72 -1.60 -17.13 8.27
C ASP A 72 -0.73 -16.10 7.57
N HIS A 73 -0.73 -16.10 6.23
CA HIS A 73 0.27 -15.32 5.52
C HIS A 73 -0.19 -14.97 4.10
N MET A 74 0.57 -14.09 3.46
CA MET A 74 0.35 -13.71 2.09
C MET A 74 1.69 -13.51 1.40
N VAL A 75 1.87 -14.13 0.25
CA VAL A 75 3.03 -13.83 -0.61
C VAL A 75 2.53 -12.90 -1.72
N LEU A 76 3.25 -11.80 -1.95
CA LEU A 76 2.77 -10.75 -2.85
C LEU A 76 3.86 -10.39 -3.83
N LEU A 77 3.49 -10.32 -5.11
CA LEU A 77 4.34 -9.81 -6.16
C LEU A 77 3.61 -8.61 -6.78
N GLU A 78 4.30 -7.50 -6.97
CA GLU A 78 3.68 -6.34 -7.61
C GLU A 78 4.60 -5.73 -8.64
N PHE A 79 3.98 -5.23 -9.70
CA PHE A 79 4.68 -4.45 -10.76
C PHE A 79 3.93 -3.15 -10.95
N VAL A 80 4.63 -2.02 -10.78
CA VAL A 80 3.99 -0.72 -10.76
C VAL A 80 4.76 0.24 -11.65
N THR A 81 4.05 0.94 -12.54
CA THR A 81 4.68 1.84 -13.50
C THR A 81 3.91 3.13 -13.56
N ALA A 82 4.61 4.26 -13.44
CA ALA A 82 3.95 5.54 -13.59
C ALA A 82 3.63 5.79 -15.05
N ALA A 83 2.52 6.48 -15.30
CA ALA A 83 2.07 6.76 -16.67
C ALA A 83 1.39 8.13 -16.70
N GLY A 84 1.57 8.84 -17.81
CA GLY A 84 1.03 10.17 -17.98
C GLY A 84 -0.43 10.12 -18.37
N ILE A 85 -1.03 11.30 -18.47
CA ILE A 85 -2.45 11.49 -18.80
C ILE A 85 -3.35 10.31 -18.48
N GLY A 105 17.13 11.60 -3.80
CA GLY A 105 16.54 10.38 -3.25
C GLY A 105 16.50 9.23 -4.23
N GLU A 106 16.40 9.55 -5.51
CA GLU A 106 16.30 8.55 -6.57
CA GLU A 106 16.28 8.50 -6.52
C GLU A 106 17.51 7.59 -6.59
N GLU A 107 18.68 8.10 -6.23
CA GLU A 107 19.89 7.28 -6.21
C GLU A 107 19.80 6.11 -5.22
N LEU A 108 18.95 6.25 -4.20
CA LEU A 108 18.77 5.19 -3.22
C LEU A 108 18.06 3.95 -3.76
N PHE A 109 17.51 4.07 -4.97
CA PHE A 109 16.60 3.05 -5.50
C PHE A 109 17.10 2.39 -6.79
N THR A 110 18.35 2.63 -7.14
CA THR A 110 18.88 2.09 -8.40
C THR A 110 19.16 0.58 -8.37
N GLY A 111 19.24 0.00 -7.17
CA GLY A 111 19.43 -1.42 -7.02
C GLY A 111 18.30 -2.09 -6.26
N VAL A 112 18.55 -3.30 -5.79
CA VAL A 112 17.57 -4.01 -4.95
C VAL A 112 17.68 -3.52 -3.49
N VAL A 113 16.54 -3.13 -2.91
CA VAL A 113 16.51 -2.55 -1.56
C VAL A 113 15.67 -3.46 -0.67
N PRO A 114 16.19 -3.89 0.50
CA PRO A 114 15.38 -4.67 1.44
C PRO A 114 14.25 -3.83 1.98
N ILE A 115 13.12 -4.49 2.22
CA ILE A 115 11.93 -3.85 2.76
C ILE A 115 11.44 -4.57 4.01
N LEU A 116 11.03 -3.79 5.02
CA LEU A 116 10.36 -4.32 6.21
C LEU A 116 9.05 -3.58 6.36
N VAL A 117 7.97 -4.33 6.63
CA VAL A 117 6.66 -3.74 6.88
C VAL A 117 6.14 -4.21 8.24
N GLU A 118 5.63 -3.29 9.05
CA GLU A 118 5.12 -3.65 10.37
C GLU A 118 3.80 -2.90 10.53
N LEU A 119 2.72 -3.67 10.75
CA LEU A 119 1.37 -3.11 10.86
C LEU A 119 0.73 -3.57 12.17
N ASP A 120 0.10 -2.62 12.88
CA ASP A 120 -0.81 -2.94 13.98
C ASP A 120 -2.18 -2.47 13.56
N GLY A 121 -3.17 -3.33 13.74
CA GLY A 121 -4.52 -3.01 13.35
C GLY A 121 -5.59 -3.36 14.36
N ASP A 122 -6.74 -2.73 14.21
CA ASP A 122 -7.90 -2.99 15.05
C ASP A 122 -9.10 -2.76 14.14
N VAL A 123 -9.83 -3.82 13.81
CA VAL A 123 -11.01 -3.72 12.95
C VAL A 123 -12.23 -4.20 13.71
N ASN A 124 -13.17 -3.30 13.98
CA ASN A 124 -14.36 -3.63 14.80
C ASN A 124 -13.98 -4.36 16.10
N GLY A 125 -12.86 -3.96 16.68
CA GLY A 125 -12.37 -4.49 17.93
C GLY A 125 -11.49 -5.74 17.84
N HIS A 126 -11.32 -6.27 16.64
CA HIS A 126 -10.40 -7.38 16.42
C HIS A 126 -9.00 -6.83 16.19
N LYS A 127 -8.11 -7.02 17.16
CA LYS A 127 -6.74 -6.55 17.05
C LYS A 127 -5.84 -7.59 16.43
N PHE A 128 -4.88 -7.10 15.64
CA PHE A 128 -3.96 -8.00 14.99
C PHE A 128 -2.67 -7.26 14.61
N SER A 129 -1.64 -8.03 14.32
CA SER A 129 -0.40 -7.46 13.81
C SER A 129 0.09 -8.26 12.62
N VAL A 130 0.72 -7.56 11.68
CA VAL A 130 1.33 -8.18 10.49
C VAL A 130 2.77 -7.71 10.35
N SER A 131 3.64 -8.67 10.07
CA SER A 131 5.05 -8.40 9.78
CA SER A 131 5.06 -8.37 9.76
C SER A 131 5.36 -8.85 8.35
N GLY A 132 6.01 -8.01 7.57
CA GLY A 132 6.40 -8.40 6.22
C GLY A 132 7.88 -8.14 5.94
N GLU A 133 8.45 -8.95 5.05
CA GLU A 133 9.85 -8.84 4.63
C GLU A 133 9.91 -9.08 3.15
N GLY A 134 10.79 -8.35 2.47
CA GLY A 134 11.06 -8.67 1.08
C GLY A 134 11.98 -7.65 0.48
N GLU A 135 11.78 -7.38 -0.81
CA GLU A 135 12.70 -6.49 -1.51
C GLU A 135 12.00 -5.75 -2.64
N GLY A 136 12.55 -4.59 -2.99
CA GLY A 136 11.99 -3.75 -4.04
C GLY A 136 13.09 -3.42 -5.02
N ASP A 137 12.71 -3.41 -6.29
CA ASP A 137 13.65 -3.13 -7.39
C ASP A 137 12.93 -2.14 -8.30
N ALA A 138 13.06 -0.84 -7.97
CA ALA A 138 12.32 0.20 -8.69
C ALA A 138 12.67 0.29 -10.17
N THR A 139 13.87 -0.12 -10.54
CA THR A 139 14.28 -0.17 -11.93
C THR A 139 13.23 -0.91 -12.76
N TYR A 140 12.61 -1.93 -12.15
CA TYR A 140 11.62 -2.75 -12.86
C TYR A 140 10.23 -2.59 -12.25
N GLY A 141 10.07 -1.59 -11.38
CA GLY A 141 8.81 -1.36 -10.67
C GLY A 141 8.37 -2.53 -9.82
N LYS A 142 9.31 -3.32 -9.30
CA LYS A 142 9.01 -4.66 -8.81
C LYS A 142 9.09 -4.80 -7.29
N LEU A 143 8.06 -5.38 -6.68
CA LEU A 143 8.04 -5.71 -5.26
C LEU A 143 7.83 -7.19 -5.07
N THR A 144 8.58 -7.78 -4.14
CA THR A 144 8.37 -9.17 -3.76
C THR A 144 8.38 -9.23 -2.23
N LEU A 145 7.26 -9.56 -1.59
CA LEU A 145 7.20 -9.59 -0.13
C LEU A 145 6.39 -10.76 0.37
N LYS A 146 6.71 -11.18 1.60
CA LYS A 146 5.91 -12.18 2.30
C LYS A 146 5.50 -11.58 3.65
N PHE A 147 4.20 -11.68 3.94
CA PHE A 147 3.60 -11.12 5.14
C PHE A 147 3.07 -12.25 6.02
N ILE A 148 3.24 -12.09 7.33
CA ILE A 148 2.77 -13.07 8.31
C ILE A 148 1.90 -12.34 9.32
N CYS A 149 0.75 -12.92 9.65
CA CYS A 149 0.01 -12.43 10.80
C CYS A 149 0.63 -12.99 12.06
N THR A 150 1.25 -12.12 12.86
CA THR A 150 2.04 -12.60 14.01
C THR A 150 1.21 -12.83 15.26
N THR A 151 -0.06 -12.46 15.20
CA THR A 151 -0.95 -12.61 16.34
C THR A 151 -1.87 -13.82 16.25
N GLY A 152 -1.83 -14.52 15.12
CA GLY A 152 -2.66 -15.70 14.93
C GLY A 152 -3.38 -15.61 13.61
N LYS A 153 -4.71 -15.68 13.64
CA LYS A 153 -5.52 -15.59 12.44
CA LYS A 153 -5.53 -15.60 12.45
C LYS A 153 -5.82 -14.14 12.09
N LEU A 154 -5.66 -13.80 10.81
CA LEU A 154 -5.99 -12.45 10.37
C LEU A 154 -7.52 -12.30 10.39
N PRO A 155 -8.06 -11.23 11.01
CA PRO A 155 -9.52 -11.15 11.15
C PRO A 155 -10.23 -10.46 9.96
N VAL A 156 -9.45 -10.08 8.93
CA VAL A 156 -9.99 -9.55 7.70
C VAL A 156 -9.31 -10.30 6.55
N PRO A 157 -9.87 -10.21 5.32
CA PRO A 157 -9.19 -10.90 4.21
C PRO A 157 -7.88 -10.21 3.83
N TRP A 158 -6.88 -11.02 3.54
CA TRP A 158 -5.59 -10.48 3.09
C TRP A 158 -5.71 -9.46 1.96
N PRO A 159 -6.55 -9.74 0.93
CA PRO A 159 -6.58 -8.76 -0.17
C PRO A 159 -6.90 -7.35 0.29
N THR A 160 -7.69 -7.21 1.36
CA THR A 160 -8.09 -5.88 1.81
C THR A 160 -6.96 -5.06 2.43
N LEU A 161 -5.82 -5.72 2.73
CA LEU A 161 -4.67 -5.05 3.31
C LEU A 161 -3.58 -4.74 2.31
N VAL A 162 -3.70 -5.24 1.08
CA VAL A 162 -2.60 -5.08 0.11
C VAL A 162 -2.21 -3.60 -0.06
N THR A 163 -3.17 -2.71 -0.30
CA THR A 163 -2.80 -1.30 -0.55
C THR A 163 -2.17 -0.64 0.67
N THR A 164 -2.54 -1.08 1.87
CA THR A 164 -1.96 -0.49 3.08
C THR A 164 -0.52 -0.98 3.29
N LEU A 165 -0.32 -2.28 3.11
CA LEU A 165 0.99 -2.90 3.30
C LEU A 165 1.96 -2.43 2.24
N VAL A 167 4.32 1.12 -0.41
CA VAL A 167 5.72 1.56 -0.54
C VAL A 167 5.92 2.03 -1.99
N GLN A 168 5.17 3.08 -2.34
CA GLN A 168 5.06 3.53 -3.72
C GLN A 168 6.32 4.19 -4.25
N CYS A 169 7.29 4.39 -3.37
CA CYS A 169 8.66 4.75 -3.79
C CYS A 169 9.31 3.67 -4.63
N PHE A 170 8.75 2.45 -4.67
CA PHE A 170 9.29 1.41 -5.56
C PHE A 170 8.65 1.36 -6.96
N SER A 171 7.76 2.30 -7.23
CA SER A 171 7.19 2.43 -8.58
C SER A 171 8.28 2.74 -9.60
N ARG A 172 8.13 2.23 -10.82
CA ARG A 172 9.02 2.63 -11.90
C ARG A 172 8.48 3.92 -12.54
N TYR A 173 9.21 5.03 -12.38
CA TYR A 173 8.91 6.25 -13.14
C TYR A 173 9.76 6.22 -14.40
N PRO A 174 9.10 6.22 -15.57
CA PRO A 174 9.87 6.31 -16.83
C PRO A 174 10.80 7.51 -16.77
N ASP A 175 11.95 7.42 -17.46
CA ASP A 175 12.90 8.50 -17.45
C ASP A 175 12.26 9.87 -17.77
N HIS A 176 11.36 9.90 -18.74
CA HIS A 176 10.72 11.18 -19.12
C HIS A 176 9.72 11.72 -18.10
N MET A 177 9.44 10.95 -17.04
CA MET A 177 8.54 11.36 -15.97
C MET A 177 9.23 11.49 -14.65
N LYS A 178 10.55 11.39 -14.62
CA LYS A 178 11.24 11.33 -13.34
C LYS A 178 11.09 12.59 -12.48
N GLN A 179 10.77 13.72 -13.10
CA GLN A 179 10.55 14.95 -12.34
C GLN A 179 9.22 14.95 -11.59
N HIS A 180 8.44 13.89 -11.74
CA HIS A 180 7.15 13.77 -11.05
C HIS A 180 7.12 12.74 -9.94
N ASP A 181 8.29 12.21 -9.59
CA ASP A 181 8.35 11.15 -8.57
C ASP A 181 8.53 11.74 -7.16
N PHE A 182 7.40 12.11 -6.55
CA PHE A 182 7.41 12.64 -5.20
C PHE A 182 8.03 11.63 -4.22
N PHE A 183 7.64 10.37 -4.37
CA PHE A 183 7.94 9.35 -3.35
C PHE A 183 9.43 9.22 -3.12
N LYS A 184 10.23 9.06 -4.18
CA LYS A 184 11.67 8.92 -3.98
CA LYS A 184 11.67 8.92 -4.00
C LYS A 184 12.29 10.23 -3.56
N SER A 185 11.71 11.35 -4.02
CA SER A 185 12.26 12.68 -3.71
CA SER A 185 12.29 12.68 -3.71
C SER A 185 12.26 12.98 -2.20
N ALA A 186 11.31 12.37 -1.48
CA ALA A 186 11.16 12.58 -0.05
C ALA A 186 12.16 11.76 0.76
N MET A 187 12.88 10.84 0.10
CA MET A 187 13.80 9.94 0.81
C MET A 187 15.19 10.61 0.93
N PRO A 188 15.98 10.22 1.93
CA PRO A 188 15.76 9.10 2.86
C PRO A 188 14.91 9.46 4.07
N GLU A 189 14.63 10.75 4.29
CA GLU A 189 13.89 11.18 5.49
C GLU A 189 12.50 10.54 5.53
N GLY A 190 11.87 10.45 4.37
CA GLY A 190 10.63 9.69 4.22
C GLY A 190 9.36 10.53 4.16
N TYR A 191 8.22 9.84 4.23
CA TYR A 191 6.95 10.52 4.21
C TYR A 191 5.93 9.82 5.11
N ILE A 192 4.93 10.59 5.51
CA ILE A 192 3.74 10.06 6.16
C ILE A 192 2.69 9.80 5.08
N GLN A 193 2.13 8.59 5.08
CA GLN A 193 1.06 8.23 4.13
C GLN A 193 -0.21 7.92 4.92
N GLU A 194 -1.29 8.67 4.65
CA GLU A 194 -2.58 8.46 5.31
C GLU A 194 -3.62 8.11 4.30
N ARG A 195 -4.55 7.23 4.67
CA ARG A 195 -5.70 6.91 3.82
C ARG A 195 -6.97 6.77 4.62
N THR A 196 -8.08 7.03 3.92
CA THR A 196 -9.35 6.44 4.32
C THR A 196 -9.77 5.54 3.17
N ILE A 197 -10.19 4.33 3.52
CA ILE A 197 -10.64 3.36 2.54
C ILE A 197 -12.09 3.02 2.89
N PHE A 198 -13.00 3.37 1.99
CA PHE A 198 -14.42 3.11 2.20
C PHE A 198 -14.80 1.83 1.45
N PHE A 199 -15.16 0.79 2.19
CA PHE A 199 -15.69 -0.41 1.56
C PHE A 199 -17.15 -0.20 1.26
N LYS A 200 -17.49 -0.23 -0.03
CA LYS A 200 -18.87 0.06 -0.46
C LYS A 200 -19.89 -0.72 0.34
N ASP A 201 -20.86 0.01 0.89
CA ASP A 201 -21.94 -0.54 1.68
C ASP A 201 -21.44 -1.32 2.90
N ASP A 202 -20.28 -0.94 3.40
CA ASP A 202 -19.72 -1.63 4.57
C ASP A 202 -18.84 -0.61 5.32
N GLY A 203 -17.89 -1.09 6.14
CA GLY A 203 -17.11 -0.19 6.98
C GLY A 203 -15.94 0.47 6.27
N ASN A 204 -15.09 1.12 7.06
CA ASN A 204 -13.93 1.81 6.50
C ASN A 204 -12.67 1.53 7.29
N TYR A 205 -11.53 1.58 6.60
CA TYR A 205 -10.24 1.61 7.26
C TYR A 205 -9.70 3.03 7.24
N LYS A 206 -9.07 3.45 8.34
CA LYS A 206 -8.26 4.67 8.34
C LYS A 206 -6.85 4.24 8.70
N THR A 207 -5.87 4.69 7.91
CA THR A 207 -4.49 4.21 8.07
C THR A 207 -3.56 5.40 8.16
N ARG A 208 -2.51 5.23 8.95
CA ARG A 208 -1.42 6.20 9.04
C ARG A 208 -0.13 5.39 9.04
N ALA A 209 0.79 5.75 8.15
CA ALA A 209 2.03 5.03 8.01
C ALA A 209 3.18 6.00 7.86
N GLU A 210 4.34 5.56 8.35
CA GLU A 210 5.57 6.31 8.14
CA GLU A 210 5.59 6.29 8.18
C GLU A 210 6.48 5.43 7.29
N VAL A 211 6.91 5.97 6.15
CA VAL A 211 7.74 5.23 5.19
C VAL A 211 9.09 5.95 5.11
N LYS A 212 10.16 5.27 5.50
CA LYS A 212 11.47 5.91 5.53
C LYS A 212 12.57 4.86 5.56
N PHE A 213 13.79 5.29 5.31
CA PHE A 213 14.94 4.42 5.47
C PHE A 213 15.38 4.30 6.91
N GLU A 214 15.73 3.07 7.27
CA GLU A 214 16.44 2.75 8.51
C GLU A 214 17.71 2.08 8.03
N GLY A 215 18.81 2.83 7.99
CA GLY A 215 20.00 2.35 7.32
C GLY A 215 19.71 2.15 5.84
N ASP A 216 20.09 1.00 5.31
CA ASP A 216 19.83 0.69 3.91
C ASP A 216 18.50 0.00 3.64
N THR A 217 17.66 -0.08 4.68
CA THR A 217 16.38 -0.80 4.57
C THR A 217 15.21 0.16 4.52
N LEU A 218 14.29 -0.07 3.56
CA LEU A 218 13.11 0.78 3.46
C LEU A 218 12.03 0.20 4.35
N VAL A 219 11.57 1.00 5.31
CA VAL A 219 10.59 0.53 6.31
C VAL A 219 9.24 1.23 6.18
N ASN A 220 8.17 0.43 6.28
CA ASN A 220 6.80 0.93 6.28
C ASN A 220 6.15 0.52 7.60
N ARG A 221 5.97 1.51 8.50
CA ARG A 221 5.35 1.27 9.82
C ARG A 221 3.93 1.82 9.78
N ILE A 222 2.94 0.98 10.08
CA ILE A 222 1.54 1.33 9.86
C ILE A 222 0.67 1.11 11.08
N GLU A 223 -0.26 2.04 11.31
CA GLU A 223 -1.40 1.81 12.21
C GLU A 223 -2.69 1.86 11.37
N LEU A 224 -3.58 0.87 11.59
CA LEU A 224 -4.84 0.76 10.87
C LEU A 224 -5.99 0.62 11.85
N LYS A 225 -7.03 1.42 11.63
CA LYS A 225 -8.24 1.34 12.44
C LYS A 225 -9.43 1.13 11.51
N GLY A 226 -10.20 0.08 11.76
CA GLY A 226 -11.39 -0.20 10.96
C GLY A 226 -12.64 -0.12 11.84
N ILE A 227 -13.67 0.57 11.34
CA ILE A 227 -14.93 0.73 12.05
C ILE A 227 -16.08 0.55 11.09
N ASP A 228 -17.25 0.31 11.71
CA ASP A 228 -18.56 0.26 11.04
C ASP A 228 -18.72 -0.93 10.08
N PHE A 229 -17.93 -1.98 10.27
CA PHE A 229 -18.07 -3.15 9.43
C PHE A 229 -19.26 -4.01 9.84
N LYS A 230 -19.86 -4.63 8.84
CA LYS A 230 -20.99 -5.54 9.02
CA LYS A 230 -20.99 -5.54 9.02
C LYS A 230 -20.45 -6.92 9.39
N GLU A 231 -20.96 -7.50 10.48
CA GLU A 231 -20.48 -8.80 10.92
C GLU A 231 -20.62 -9.89 9.87
N ASP A 232 -21.65 -9.80 9.02
CA ASP A 232 -21.80 -10.78 7.94
CA ASP A 232 -21.84 -10.75 7.95
C ASP A 232 -21.61 -10.14 6.57
N GLY A 233 -20.86 -9.04 6.52
CA GLY A 233 -20.54 -8.45 5.23
C GLY A 233 -19.34 -9.17 4.63
N ASN A 234 -18.81 -8.65 3.54
CA ASN A 234 -17.79 -9.37 2.78
C ASN A 234 -16.43 -9.38 3.44
N ILE A 235 -16.20 -8.41 4.34
CA ILE A 235 -14.89 -8.28 4.97
C ILE A 235 -14.84 -9.16 6.22
N LEU A 236 -15.66 -8.82 7.22
CA LEU A 236 -15.67 -9.62 8.46
C LEU A 236 -16.20 -11.05 8.24
N GLY A 237 -17.01 -11.24 7.19
CA GLY A 237 -17.52 -12.54 6.81
C GLY A 237 -16.56 -13.37 5.96
N HIS A 238 -15.41 -12.78 5.59
CA HIS A 238 -14.40 -13.48 4.78
C HIS A 238 -15.00 -14.05 3.50
N LYS A 239 -15.64 -13.20 2.70
CA LYS A 239 -16.32 -13.66 1.48
C LYS A 239 -15.57 -13.22 0.23
N LEU A 240 -14.33 -12.74 0.40
CA LEU A 240 -13.54 -12.29 -0.74
C LEU A 240 -12.63 -13.40 -1.24
N GLU A 241 -12.51 -13.51 -2.57
CA GLU A 241 -11.53 -14.38 -3.18
C GLU A 241 -10.12 -13.92 -2.81
N TYR A 242 -9.19 -14.87 -2.78
CA TYR A 242 -7.78 -14.59 -2.52
C TYR A 242 -7.07 -14.20 -3.84
N ASN A 243 -7.26 -12.93 -4.21
CA ASN A 243 -6.68 -12.37 -5.42
C ASN A 243 -6.82 -10.86 -5.39
#